data_3OHR
#
_entry.id   3OHR
#
_cell.length_a   112.155
_cell.length_b   112.155
_cell.length_c   73.716
_cell.angle_alpha   90.00
_cell.angle_beta   90.00
_cell.angle_gamma   120.00
#
_symmetry.space_group_name_H-M   'P 31 2 1'
#
loop_
_entity.id
_entity.type
_entity.pdbx_description
1 polymer 'Putative fructokinase'
2 non-polymer "ADENOSINE-5'-DIPHOSPHATE"
3 non-polymer 'ZINC ION'
4 non-polymer 'SULFATE ION'
5 water water
#
_entity_poly.entity_id   1
_entity_poly.type   'polypeptide(L)'
_entity_poly.pdbx_seq_one_letter_code
;SNAA(MSE)LGGIEAGGT(MLY)FVCAVGREDGTIIDRIEFPT(MLY)(MSE)PDETIE(MLY)VIQYFSQFSLQAIGIG
SFGPVDND(MLY)TSQTYGTITATP(MLY)AGWRHYPFLQTV(MLY)NE(MSE)(MLZ)IPVGFSTDVNAAALGEFLFGE
A(MLY)GLDSCLYITIGTGIGAGAIVEGRLLQGLSHPE(MSE)GHIYIRRHPDDVYQG(MLY)CPYHGDCFEGLASGPAI
EARWG(MLY)KAADLSDIAQVWELEGYYIAQALAQYILILAP(MLY)(MLY)IILGGGV(MSE)QQ(MLY)QVFSYIYQY
VPKI(MSE)NSYLDFSELSDDISDYIVPPRLGSNAGIIGTLVLAHQALQAEAASGEVRS
;
_entity_poly.pdbx_strand_id   A
#
# COMPACT_ATOMS: atom_id res chain seq x y z
N ALA A 4 5.66 1.60 -26.18
CA ALA A 4 6.46 0.68 -25.34
C ALA A 4 5.50 -0.20 -24.54
N LEU A 6 5.37 -2.41 -21.16
CA LEU A 6 5.99 -2.42 -19.83
C LEU A 6 5.45 -3.62 -19.07
N GLY A 7 6.30 -4.17 -18.23
CA GLY A 7 5.93 -5.24 -17.31
C GLY A 7 5.85 -4.74 -15.86
N GLY A 8 4.92 -5.32 -15.13
CA GLY A 8 4.74 -5.02 -13.70
C GLY A 8 4.68 -6.30 -12.90
N ILE A 9 5.30 -6.25 -11.73
CA ILE A 9 5.31 -7.36 -10.76
C ILE A 9 4.87 -6.77 -9.41
N GLU A 10 3.69 -7.18 -8.96
CA GLU A 10 3.23 -6.87 -7.65
C GLU A 10 3.46 -8.14 -6.81
N ALA A 11 4.53 -8.09 -6.03
CA ALA A 11 4.97 -9.22 -5.21
C ALA A 11 4.36 -9.15 -3.82
N GLY A 12 3.50 -10.11 -3.52
CA GLY A 12 2.90 -10.22 -2.20
C GLY A 12 3.29 -11.46 -1.48
N GLY A 13 2.98 -11.46 -0.19
CA GLY A 13 3.36 -12.55 0.63
C GLY A 13 2.63 -13.81 0.24
N THR A 14 1.40 -13.67 -0.27
CA THR A 14 0.57 -14.83 -0.60
C THR A 14 0.56 -15.13 -2.11
N PHE A 16 1.78 -13.63 -6.23
CA PHE A 16 2.36 -12.65 -7.16
C PHE A 16 1.37 -12.33 -8.26
N VAL A 17 1.34 -11.07 -8.66
CA VAL A 17 0.54 -10.63 -9.82
C VAL A 17 1.54 -10.06 -10.79
N CYS A 18 1.52 -10.55 -12.02
CA CYS A 18 2.35 -9.98 -13.06
C CYS A 18 1.45 -9.46 -14.16
N ALA A 19 1.86 -8.34 -14.77
CA ALA A 19 1.08 -7.73 -15.78
C ALA A 19 1.92 -7.14 -16.86
N VAL A 20 1.31 -6.99 -18.04
CA VAL A 20 1.90 -6.22 -19.13
C VAL A 20 0.96 -5.08 -19.44
N GLY A 21 1.53 -3.91 -19.71
CA GLY A 21 0.69 -2.72 -19.87
C GLY A 21 1.47 -1.59 -20.51
N ARG A 22 0.90 -0.40 -20.41
CA ARG A 22 1.44 0.76 -21.08
C ARG A 22 1.64 1.89 -20.08
N GLU A 23 2.38 2.91 -20.50
CA GLU A 23 2.71 3.99 -19.62
C GLU A 23 1.48 4.78 -19.13
N ASP A 24 0.39 4.75 -19.86
CA ASP A 24 -0.84 5.37 -19.39
C ASP A 24 -1.67 4.55 -18.42
N GLY A 25 -1.15 3.40 -17.98
CA GLY A 25 -1.76 2.62 -16.93
C GLY A 25 -2.70 1.58 -17.46
N THR A 26 -2.81 1.46 -18.79
CA THR A 26 -3.64 0.40 -19.41
C THR A 26 -3.02 -0.96 -19.17
N ILE A 27 -3.82 -1.86 -18.61
CA ILE A 27 -3.42 -3.27 -18.44
C ILE A 27 -3.81 -4.04 -19.68
N ILE A 28 -2.80 -4.58 -20.35
CA ILE A 28 -2.92 -5.37 -21.56
C ILE A 28 -3.25 -6.82 -21.21
N ASP A 29 -2.53 -7.40 -20.25
CA ASP A 29 -2.67 -8.80 -19.90
C ASP A 29 -2.19 -8.94 -18.45
N ARG A 30 -2.64 -9.98 -17.80
CA ARG A 30 -2.14 -10.28 -16.46
C ARG A 30 -2.26 -11.72 -16.13
N ILE A 31 -1.48 -12.11 -15.12
CA ILE A 31 -1.46 -13.46 -14.55
C ILE A 31 -1.20 -13.37 -13.09
N GLU A 32 -1.61 -14.38 -12.32
CA GLU A 32 -1.21 -14.46 -10.92
C GLU A 32 -0.91 -15.90 -10.54
N PHE A 33 -0.12 -16.04 -9.48
CA PHE A 33 0.23 -17.35 -9.00
C PHE A 33 0.67 -17.24 -7.55
N PRO A 34 0.60 -18.34 -6.82
CA PRO A 34 0.99 -18.26 -5.44
C PRO A 34 2.48 -17.94 -5.23
N THR A 35 2.76 -17.20 -4.16
CA THR A 35 4.12 -16.99 -3.74
C THR A 35 4.65 -18.25 -3.06
N PRO A 38 11.65 -18.15 -3.56
CA PRO A 38 11.95 -17.13 -4.57
C PRO A 38 12.45 -17.64 -5.92
N ASP A 39 13.37 -18.60 -5.98
CA ASP A 39 13.85 -19.02 -7.29
C ASP A 39 12.65 -19.50 -8.15
N GLU A 40 11.82 -20.37 -7.61
CA GLU A 40 10.69 -20.90 -8.45
C GLU A 40 9.65 -19.84 -8.80
N THR A 41 9.47 -18.91 -7.91
CA THR A 41 8.46 -17.88 -8.08
C THR A 41 8.89 -16.90 -9.16
N ILE A 42 10.14 -16.49 -9.08
CA ILE A 42 10.71 -15.58 -10.07
CA ILE A 42 10.69 -15.58 -10.09
C ILE A 42 10.82 -16.28 -11.42
N GLU A 43 11.10 -17.60 -11.43
CA GLU A 43 11.17 -18.30 -12.74
C GLU A 43 9.80 -18.21 -13.41
N VAL A 45 7.71 -15.73 -13.07
CA VAL A 45 7.67 -14.35 -13.62
C VAL A 45 8.35 -14.28 -14.98
N ILE A 46 9.57 -14.81 -15.04
CA ILE A 46 10.35 -14.70 -16.26
C ILE A 46 9.67 -15.44 -17.41
N GLN A 47 9.11 -16.60 -17.12
CA GLN A 47 8.40 -17.38 -18.12
C GLN A 47 7.16 -16.64 -18.64
N TYR A 48 6.42 -15.99 -17.75
CA TYR A 48 5.26 -15.19 -18.19
C TYR A 48 5.70 -14.05 -19.10
N PHE A 49 6.73 -13.28 -18.72
CA PHE A 49 7.16 -12.15 -19.53
C PHE A 49 7.82 -12.56 -20.84
N SER A 50 8.28 -13.83 -20.93
CA SER A 50 9.00 -14.32 -22.12
C SER A 50 8.20 -14.19 -23.44
N GLN A 51 6.89 -14.17 -23.33
CA GLN A 51 5.96 -14.05 -24.45
C GLN A 51 6.04 -12.67 -25.10
N PHE A 52 6.44 -11.67 -24.32
CA PHE A 52 6.27 -10.29 -24.65
C PHE A 52 7.61 -9.66 -24.91
N SER A 53 7.58 -8.55 -25.64
CA SER A 53 8.77 -7.79 -25.90
CA SER A 53 8.78 -7.78 -25.90
C SER A 53 8.68 -6.53 -25.06
N LEU A 54 9.32 -6.52 -23.90
CA LEU A 54 9.12 -5.44 -22.92
C LEU A 54 10.27 -4.46 -22.92
N GLN A 55 9.99 -3.17 -22.70
CA GLN A 55 11.04 -2.18 -22.62
C GLN A 55 11.57 -1.95 -21.20
N ALA A 56 10.77 -2.26 -20.20
CA ALA A 56 11.13 -2.06 -18.79
C ALA A 56 10.15 -2.80 -17.93
N ILE A 57 10.55 -3.05 -16.69
CA ILE A 57 9.70 -3.71 -15.68
C ILE A 57 9.68 -2.85 -14.44
N GLY A 58 8.59 -2.92 -13.67
CA GLY A 58 8.58 -2.36 -12.32
C GLY A 58 8.14 -3.39 -11.33
N ILE A 59 8.77 -3.37 -10.15
CA ILE A 59 8.48 -4.29 -9.03
C ILE A 59 7.96 -3.49 -7.86
N GLY A 60 6.76 -3.84 -7.38
CA GLY A 60 6.20 -3.35 -6.16
C GLY A 60 6.15 -4.51 -5.20
N SER A 61 7.02 -4.49 -4.19
CA SER A 61 7.20 -5.65 -3.28
C SER A 61 6.65 -5.46 -1.89
N PHE A 62 6.18 -6.55 -1.33
CA PHE A 62 5.96 -6.60 0.12
C PHE A 62 7.25 -6.32 0.82
N GLY A 63 7.14 -5.58 1.92
CA GLY A 63 8.33 -5.12 2.67
C GLY A 63 8.17 -5.41 4.15
N PRO A 64 9.09 -4.87 4.96
CA PRO A 64 10.08 -3.87 4.55
C PRO A 64 11.06 -4.33 3.47
N VAL A 65 11.51 -3.36 2.68
CA VAL A 65 12.51 -3.56 1.63
C VAL A 65 13.58 -2.53 1.78
N ASP A 66 14.70 -2.78 1.10
CA ASP A 66 15.74 -1.77 1.01
C ASP A 66 15.48 -1.02 -0.29
N ASN A 67 14.92 0.18 -0.16
CA ASN A 67 14.58 1.00 -1.30
C ASN A 67 15.53 2.19 -1.47
N ASP A 68 16.74 2.06 -0.91
CA ASP A 68 17.77 3.10 -1.08
C ASP A 68 18.67 2.64 -2.24
N THR A 70 21.28 3.80 -3.27
CA THR A 70 22.74 3.81 -3.06
C THR A 70 23.22 2.65 -2.21
N SER A 71 22.31 1.82 -1.71
CA SER A 71 22.63 0.76 -0.78
C SER A 71 23.06 -0.53 -1.47
N GLN A 72 24.04 -1.19 -0.88
CA GLN A 72 24.50 -2.50 -1.40
C GLN A 72 23.37 -3.52 -1.49
N THR A 73 22.40 -3.40 -0.59
CA THR A 73 21.28 -4.33 -0.54
C THR A 73 20.00 -3.77 -1.17
N TYR A 74 20.16 -2.76 -2.01
CA TYR A 74 18.99 -2.20 -2.71
C TYR A 74 18.25 -3.29 -3.44
N GLY A 75 16.92 -3.25 -3.44
CA GLY A 75 16.12 -4.21 -4.19
C GLY A 75 16.02 -5.58 -3.56
N THR A 76 16.11 -5.61 -2.25
CA THR A 76 15.85 -6.85 -1.49
C THR A 76 14.83 -6.58 -0.46
N ILE A 77 14.15 -7.64 -0.02
CA ILE A 77 13.26 -7.57 1.13
C ILE A 77 14.10 -7.76 2.37
N THR A 78 13.97 -6.85 3.32
CA THR A 78 14.86 -6.81 4.47
C THR A 78 14.27 -7.45 5.70
N ALA A 79 12.98 -7.65 5.77
CA ALA A 79 12.37 -8.32 6.93
C ALA A 79 11.18 -9.05 6.49
N THR A 80 11.15 -10.34 6.77
CA THR A 80 9.96 -11.11 6.51
C THR A 80 10.06 -12.46 7.17
N PRO A 81 8.95 -12.99 7.70
CA PRO A 81 9.00 -14.38 8.14
C PRO A 81 8.89 -15.35 6.99
N ALA A 83 9.65 -17.95 4.22
CA ALA A 83 10.90 -18.63 3.91
C ALA A 83 11.52 -18.27 2.58
N GLY A 84 12.82 -17.99 2.63
CA GLY A 84 13.65 -17.72 1.48
C GLY A 84 13.72 -16.29 1.03
N TRP A 85 12.79 -15.45 1.47
CA TRP A 85 12.67 -14.10 0.86
C TRP A 85 13.61 -13.06 1.43
N ARG A 86 13.89 -13.08 2.75
CA ARG A 86 14.73 -12.02 3.31
C ARG A 86 16.10 -12.09 2.67
N HIS A 87 16.58 -10.93 2.19
CA HIS A 87 17.91 -10.82 1.56
C HIS A 87 18.10 -11.51 0.22
N TYR A 88 17.05 -12.15 -0.33
CA TYR A 88 17.12 -12.68 -1.67
C TYR A 88 17.35 -11.51 -2.65
N PRO A 89 18.22 -11.69 -3.65
CA PRO A 89 18.53 -10.60 -4.62
C PRO A 89 17.44 -10.47 -5.68
N PHE A 90 16.30 -10.00 -5.22
CA PHE A 90 15.06 -10.00 -5.99
C PHE A 90 15.27 -9.11 -7.23
N LEU A 91 15.48 -7.82 -7.00
CA LEU A 91 15.66 -6.86 -8.11
C LEU A 91 16.77 -7.29 -9.08
N GLN A 92 17.91 -7.71 -8.53
CA GLN A 92 19.06 -8.03 -9.36
C GLN A 92 18.84 -9.28 -10.20
N THR A 93 18.13 -10.26 -9.66
CA THR A 93 17.78 -11.45 -10.42
C THR A 93 16.86 -11.08 -11.59
N VAL A 94 15.86 -10.22 -11.37
CA VAL A 94 15.00 -9.83 -12.47
C VAL A 94 15.75 -9.00 -13.52
N ASN A 96 18.97 -9.34 -14.09
CA ASN A 96 19.91 -10.21 -14.84
C ASN A 96 19.18 -11.05 -15.91
N GLU A 97 17.95 -11.46 -15.61
CA GLU A 97 17.20 -12.33 -16.49
C GLU A 97 16.59 -11.54 -17.64
N ILE A 100 16.73 -5.44 -19.17
CA ILE A 100 16.11 -4.16 -19.44
C ILE A 100 15.95 -3.42 -18.11
N PRO A 101 15.64 -2.11 -18.15
CA PRO A 101 15.52 -1.38 -16.89
C PRO A 101 14.46 -1.97 -16.00
N VAL A 102 14.75 -1.98 -14.69
CA VAL A 102 13.80 -2.49 -13.68
C VAL A 102 13.69 -1.53 -12.51
N GLY A 103 12.47 -1.03 -12.31
CA GLY A 103 12.14 -0.16 -11.17
C GLY A 103 11.75 -0.98 -9.98
N PHE A 104 11.86 -0.37 -8.81
CA PHE A 104 11.65 -1.07 -7.55
C PHE A 104 11.03 -0.15 -6.55
N SER A 105 10.10 -0.67 -5.75
CA SER A 105 9.49 0.09 -4.66
C SER A 105 8.70 -0.87 -3.80
N THR A 106 8.13 -0.39 -2.71
CA THR A 106 7.14 -1.19 -1.99
C THR A 106 5.84 -1.26 -2.78
N ASP A 107 5.06 -2.28 -2.45
CA ASP A 107 3.76 -2.48 -3.09
C ASP A 107 2.82 -1.31 -2.84
N VAL A 108 2.83 -0.78 -1.62
CA VAL A 108 1.99 0.35 -1.28
C VAL A 108 2.48 1.64 -1.94
N ASN A 109 3.80 1.81 -2.14
CA ASN A 109 4.31 2.90 -2.94
C ASN A 109 3.76 2.81 -4.37
N ALA A 110 3.74 1.61 -4.95
CA ALA A 110 3.20 1.42 -6.26
C ALA A 110 1.74 1.89 -6.32
N ALA A 111 0.96 1.52 -5.32
CA ALA A 111 -0.49 1.87 -5.29
C ALA A 111 -0.59 3.39 -5.22
N ALA A 112 0.26 4.02 -4.40
CA ALA A 112 0.28 5.49 -4.35
C ALA A 112 0.56 6.10 -5.69
N LEU A 113 1.54 5.57 -6.45
CA LEU A 113 1.84 6.11 -7.76
C LEU A 113 0.63 5.94 -8.70
N GLY A 114 -0.05 4.79 -8.63
CA GLY A 114 -1.21 4.49 -9.49
C GLY A 114 -2.29 5.54 -9.23
N GLU A 115 -2.60 5.79 -7.96
CA GLU A 115 -3.66 6.78 -7.67
C GLU A 115 -3.19 8.21 -7.95
N PHE A 116 -1.90 8.46 -7.84
CA PHE A 116 -1.34 9.79 -8.05
C PHE A 116 -1.41 10.19 -9.54
N LEU A 117 -1.12 9.24 -10.43
CA LEU A 117 -1.12 9.51 -11.86
CA LEU A 117 -1.15 9.56 -11.84
C LEU A 117 -2.52 9.33 -12.48
N PHE A 118 -3.26 8.34 -12.02
CA PHE A 118 -4.48 7.88 -12.73
C PHE A 118 -5.73 7.82 -11.88
N GLY A 119 -5.61 8.17 -10.61
CA GLY A 119 -6.69 7.98 -9.66
C GLY A 119 -7.07 9.24 -8.90
N GLU A 120 -7.38 9.05 -7.62
CA GLU A 120 -8.00 10.12 -6.83
C GLU A 120 -7.09 11.31 -6.59
N ALA A 121 -5.80 11.13 -6.77
CA ALA A 121 -4.89 12.24 -6.57
C ALA A 121 -4.35 12.82 -7.86
N GLY A 123 -3.60 15.15 -10.61
CA GLY A 123 -3.67 16.60 -10.52
C GLY A 123 -3.20 17.25 -9.21
N LEU A 124 -3.05 16.49 -8.15
CA LEU A 124 -2.46 16.99 -6.91
C LEU A 124 -0.95 16.80 -6.90
N ASP A 125 -0.24 17.32 -5.96
CA ASP A 125 1.20 17.04 -5.86
C ASP A 125 1.56 16.22 -4.62
N SER A 126 0.55 15.75 -3.93
CA SER A 126 0.71 15.05 -2.67
C SER A 126 -0.45 14.05 -2.54
N CYS A 127 -0.15 12.89 -1.95
CA CYS A 127 -1.17 11.98 -1.50
C CYS A 127 -0.58 10.92 -0.61
N LEU A 128 -1.48 10.18 0.03
CA LEU A 128 -1.12 9.05 0.89
C LEU A 128 -2.04 7.89 0.55
N TYR A 129 -1.45 6.71 0.24
CA TYR A 129 -2.24 5.50 -0.03
C TYR A 129 -1.94 4.55 1.10
N ILE A 130 -3.01 4.06 1.73
CA ILE A 130 -2.92 3.13 2.83
C ILE A 130 -3.70 1.87 2.46
N THR A 131 -3.10 0.69 2.65
CA THR A 131 -3.86 -0.56 2.52
C THR A 131 -4.10 -1.16 3.90
N ILE A 132 -5.29 -1.72 4.10
CA ILE A 132 -5.64 -2.40 5.32
C ILE A 132 -6.10 -3.81 4.88
N GLY A 133 -5.19 -4.78 5.09
CA GLY A 133 -5.42 -6.17 4.68
C GLY A 133 -4.74 -7.12 5.64
N THR A 134 -3.89 -8.02 5.12
CA THR A 134 -3.12 -8.91 5.93
C THR A 134 -2.21 -8.12 6.86
N GLY A 135 -1.63 -7.03 6.34
CA GLY A 135 -0.93 -6.06 7.15
C GLY A 135 -1.51 -4.69 6.86
N ILE A 136 -0.90 -3.67 7.47
CA ILE A 136 -1.18 -2.30 7.17
C ILE A 136 0.11 -1.62 6.69
N GLY A 137 0.01 -0.97 5.56
CA GLY A 137 1.15 -0.23 5.02
C GLY A 137 0.68 0.98 4.25
N ALA A 138 1.62 1.87 4.01
CA ALA A 138 1.27 3.13 3.30
C ALA A 138 2.42 3.66 2.48
N GLY A 139 2.07 4.28 1.37
CA GLY A 139 3.04 5.04 0.58
C GLY A 139 2.57 6.45 0.39
N ALA A 140 3.52 7.38 0.36
CA ALA A 140 3.22 8.79 0.28
C ALA A 140 3.95 9.46 -0.86
N ILE A 141 3.28 10.42 -1.50
CA ILE A 141 3.89 11.24 -2.53
C ILE A 141 3.95 12.66 -1.92
N VAL A 142 5.14 13.25 -2.02
CA VAL A 142 5.43 14.59 -1.51
C VAL A 142 6.05 15.34 -2.65
N GLU A 143 5.47 16.48 -3.05
CA GLU A 143 5.98 17.27 -4.15
C GLU A 143 6.25 16.38 -5.38
N GLY A 144 5.31 15.50 -5.61
CA GLY A 144 5.32 14.67 -6.80
C GLY A 144 6.26 13.51 -6.86
N ARG A 145 6.90 13.21 -5.73
CA ARG A 145 7.87 12.14 -5.64
C ARG A 145 7.56 11.28 -4.43
N LEU A 146 7.79 9.98 -4.55
CA LEU A 146 7.61 9.10 -3.41
C LEU A 146 8.50 9.52 -2.23
N LEU A 147 7.94 9.41 -1.03
CA LEU A 147 8.63 9.71 0.17
C LEU A 147 9.52 8.54 0.51
N GLN A 148 10.84 8.78 0.55
CA GLN A 148 11.85 7.79 0.85
C GLN A 148 12.98 8.48 1.63
N GLY A 149 12.92 8.36 2.94
CA GLY A 149 13.89 8.94 3.85
C GLY A 149 14.96 7.90 4.19
N LEU A 150 15.24 7.74 5.46
CA LEU A 150 16.13 6.73 5.93
C LEU A 150 15.65 5.35 5.50
N SER A 151 14.32 5.21 5.50
CA SER A 151 13.63 4.04 5.03
C SER A 151 12.41 4.49 4.30
N HIS A 152 11.80 3.60 3.51
CA HIS A 152 10.43 3.86 3.15
C HIS A 152 9.59 3.85 4.44
N PRO A 153 8.42 4.52 4.41
CA PRO A 153 7.54 4.52 5.62
C PRO A 153 7.05 3.10 6.00
N GLU A 154 6.79 2.93 7.30
CA GLU A 154 6.16 1.72 7.83
C GLU A 154 5.04 2.17 8.76
N GLY A 156 2.06 1.42 9.19
CA GLY A 156 1.20 0.47 9.87
C GLY A 156 1.55 0.13 11.29
N HIS A 157 2.76 0.49 11.70
CA HIS A 157 3.28 0.04 12.98
C HIS A 157 3.33 1.07 14.06
N ILE A 158 2.69 2.19 13.82
CA ILE A 158 2.58 3.21 14.85
C ILE A 158 1.68 2.72 15.97
N TYR A 159 1.99 3.12 17.20
N TYR A 159 2.02 3.20 17.15
CA TYR A 159 1.17 2.74 18.39
CA TYR A 159 1.13 3.10 18.25
C TYR A 159 0.07 3.78 18.79
C TYR A 159 -0.03 4.06 18.09
N ILE A 160 -1.18 3.53 18.35
CA ILE A 160 -2.34 4.40 18.55
C ILE A 160 -2.90 3.96 19.87
N ARG A 161 -3.88 4.69 20.37
CA ARG A 161 -4.45 4.34 21.68
C ARG A 161 -5.46 3.22 21.59
N ARG A 162 -5.32 2.25 22.47
CA ARG A 162 -6.29 1.17 22.54
C ARG A 162 -7.62 1.76 22.96
N HIS A 163 -8.71 1.20 22.45
CA HIS A 163 -10.03 1.51 23.00
C HIS A 163 -10.14 0.90 24.38
N PRO A 164 -10.69 1.64 25.37
CA PRO A 164 -10.63 1.02 26.69
C PRO A 164 -11.42 -0.25 26.87
N ASP A 165 -12.41 -0.51 26.02
CA ASP A 165 -13.18 -1.77 26.09
C ASP A 165 -12.64 -2.92 25.24
N ASP A 166 -11.58 -2.68 24.47
CA ASP A 166 -11.02 -3.67 23.59
C ASP A 166 -10.02 -4.43 24.42
N VAL A 167 -10.23 -5.73 24.48
CA VAL A 167 -9.42 -6.59 25.29
C VAL A 167 -8.36 -7.35 24.46
N TYR A 168 -8.39 -7.18 23.13
CA TYR A 168 -7.51 -7.96 22.27
C TYR A 168 -6.05 -7.51 22.40
N GLN A 169 -5.15 -8.47 22.53
CA GLN A 169 -3.74 -8.22 22.84
C GLN A 169 -2.95 -7.68 21.65
N GLY A 170 -3.43 -8.01 20.47
CA GLY A 170 -2.83 -7.55 19.23
C GLY A 170 -2.12 -8.62 18.45
N CYS A 172 0.36 -8.11 15.97
CA CYS A 172 1.68 -7.85 15.41
C CYS A 172 2.78 -8.58 16.18
N PRO A 173 3.59 -9.39 15.50
CA PRO A 173 4.67 -10.12 16.17
C PRO A 173 5.75 -9.25 16.76
N TYR A 174 5.92 -8.06 16.19
CA TYR A 174 6.91 -7.16 16.72
C TYR A 174 6.42 -6.30 17.86
N HIS A 175 5.22 -5.76 17.75
CA HIS A 175 4.74 -4.74 18.68
C HIS A 175 3.51 -5.11 19.50
N GLY A 176 2.87 -6.16 19.11
CA GLY A 176 1.56 -6.54 19.66
C GLY A 176 0.44 -5.64 19.16
N ASP A 177 0.21 -4.55 19.88
CA ASP A 177 -0.95 -3.68 19.62
C ASP A 177 -0.61 -2.34 18.98
N CYS A 178 0.26 -2.39 17.98
CA CYS A 178 0.43 -1.27 17.08
C CYS A 178 -0.83 -1.22 16.21
N PHE A 179 -0.91 -0.20 15.36
CA PHE A 179 -2.10 -0.05 14.46
C PHE A 179 -2.41 -1.34 13.69
N GLU A 180 -1.41 -1.89 13.01
CA GLU A 180 -1.56 -3.15 12.33
C GLU A 180 -2.04 -4.26 13.28
N GLY A 181 -1.45 -4.31 14.46
CA GLY A 181 -1.80 -5.30 15.44
C GLY A 181 -3.23 -5.21 15.91
N LEU A 182 -3.80 -4.01 15.87
CA LEU A 182 -5.18 -3.82 16.30
C LEU A 182 -6.21 -3.84 15.17
N ALA A 183 -5.79 -3.52 13.95
CA ALA A 183 -6.74 -3.18 12.88
C ALA A 183 -6.56 -3.85 11.54
N SER A 184 -5.62 -4.78 11.41
CA SER A 184 -5.47 -5.51 10.19
C SER A 184 -6.64 -6.49 10.10
N GLY A 185 -6.81 -7.03 8.92
CA GLY A 185 -7.73 -8.16 8.70
C GLY A 185 -7.59 -9.30 9.68
N PRO A 186 -6.36 -9.83 9.83
CA PRO A 186 -6.15 -10.90 10.79
C PRO A 186 -6.40 -10.51 12.24
N ALA A 187 -6.18 -9.25 12.60
CA ALA A 187 -6.46 -8.80 13.96
C ALA A 187 -7.96 -8.80 14.25
N ILE A 188 -8.72 -8.37 13.25
CA ILE A 188 -10.16 -8.36 13.32
C ILE A 188 -10.63 -9.80 13.54
N GLU A 189 -10.13 -10.72 12.72
CA GLU A 189 -10.49 -12.14 12.82
C GLU A 189 -10.12 -12.73 14.19
N ALA A 190 -8.92 -12.46 14.68
CA ALA A 190 -8.46 -13.03 15.94
C ALA A 190 -9.26 -12.46 17.12
N ARG A 191 -9.59 -11.17 17.05
CA ARG A 191 -10.38 -10.53 18.07
C ARG A 191 -11.83 -11.07 18.17
N TRP A 192 -12.49 -11.17 17.03
CA TRP A 192 -13.95 -11.42 17.03
C TRP A 192 -14.32 -12.88 16.74
N GLY A 193 -13.36 -13.64 16.26
CA GLY A 193 -13.50 -15.06 16.04
C GLY A 193 -14.04 -15.51 14.72
N LYS A 195 -13.76 -14.38 10.22
CA LYS A 195 -13.13 -13.51 9.26
C LYS A 195 -13.92 -12.26 9.04
N ALA A 196 -13.22 -11.20 8.69
CA ALA A 196 -13.80 -9.87 8.69
C ALA A 196 -15.00 -9.77 7.77
N ALA A 197 -14.92 -10.37 6.58
CA ALA A 197 -16.05 -10.35 5.65
C ALA A 197 -17.33 -10.94 6.28
N ASP A 198 -17.17 -11.90 7.17
CA ASP A 198 -18.32 -12.59 7.83
C ASP A 198 -18.85 -11.81 9.04
N LEU A 199 -18.25 -10.65 9.34
CA LEU A 199 -18.71 -9.82 10.45
C LEU A 199 -19.36 -8.54 9.96
N SER A 200 -19.66 -8.47 8.67
CA SER A 200 -20.16 -7.25 8.05
CA SER A 200 -20.18 -7.26 8.03
C SER A 200 -21.43 -6.67 8.69
N ASP A 201 -22.24 -7.52 9.34
CA ASP A 201 -23.50 -7.10 9.95
C ASP A 201 -23.36 -6.77 11.43
N ILE A 202 -22.14 -6.82 11.98
CA ILE A 202 -21.91 -6.55 13.39
C ILE A 202 -21.32 -5.16 13.50
N ALA A 203 -22.16 -4.18 13.83
CA ALA A 203 -21.73 -2.77 13.74
C ALA A 203 -20.50 -2.47 14.60
N GLN A 204 -20.42 -3.05 15.80
CA GLN A 204 -19.35 -2.68 16.71
C GLN A 204 -17.95 -3.04 16.19
N VAL A 205 -17.88 -4.02 15.30
CA VAL A 205 -16.63 -4.42 14.66
C VAL A 205 -16.10 -3.23 13.85
N TRP A 206 -17.00 -2.60 13.10
CA TRP A 206 -16.61 -1.54 12.19
C TRP A 206 -16.49 -0.20 12.89
N GLU A 207 -17.23 -0.01 14.00
CA GLU A 207 -17.03 1.17 14.86
C GLU A 207 -15.64 1.17 15.39
N LEU A 208 -15.22 0.02 15.90
CA LEU A 208 -13.90 -0.13 16.49
C LEU A 208 -12.83 0.05 15.42
N GLU A 209 -13.02 -0.59 14.29
CA GLU A 209 -12.05 -0.50 13.19
C GLU A 209 -11.95 0.93 12.72
N GLY A 210 -13.10 1.62 12.56
CA GLY A 210 -13.10 3.02 12.17
C GLY A 210 -12.42 3.89 13.17
N TYR A 211 -12.56 3.57 14.44
CA TYR A 211 -11.92 4.37 15.49
C TYR A 211 -10.41 4.25 15.41
N TYR A 212 -9.91 3.03 15.28
CA TYR A 212 -8.48 2.84 15.12
C TYR A 212 -7.92 3.46 13.85
N ILE A 213 -8.58 3.30 12.71
CA ILE A 213 -8.09 3.90 11.49
C ILE A 213 -8.10 5.44 11.63
N ALA A 214 -9.18 6.01 12.19
CA ALA A 214 -9.24 7.45 12.40
C ALA A 214 -8.11 7.97 13.26
N GLN A 215 -7.72 7.23 14.30
CA GLN A 215 -6.61 7.65 15.16
C GLN A 215 -5.31 7.69 14.33
N ALA A 216 -5.11 6.66 13.50
CA ALA A 216 -3.92 6.63 12.67
C ALA A 216 -3.94 7.79 11.69
N LEU A 217 -5.06 7.99 11.00
CA LEU A 217 -5.14 9.09 10.04
C LEU A 217 -4.86 10.44 10.70
N ALA A 218 -5.37 10.70 11.89
CA ALA A 218 -5.10 11.99 12.58
C ALA A 218 -3.58 12.19 12.73
N GLN A 219 -2.87 11.10 13.05
CA GLN A 219 -1.41 11.20 13.22
C GLN A 219 -0.78 11.51 11.87
N TYR A 220 -1.21 10.83 10.82
CA TYR A 220 -0.61 11.08 9.51
C TYR A 220 -0.90 12.50 9.04
N ILE A 221 -2.11 12.98 9.32
CA ILE A 221 -2.52 14.36 8.94
C ILE A 221 -1.63 15.42 9.63
N LEU A 222 -1.39 15.22 10.93
CA LEU A 222 -0.54 16.12 11.72
C LEU A 222 0.95 16.10 11.37
N ILE A 223 1.42 14.96 10.88
CA ILE A 223 2.85 14.78 10.60
C ILE A 223 3.17 15.06 9.14
N LEU A 224 2.41 14.47 8.22
CA LEU A 224 2.64 14.61 6.77
CA LEU A 224 2.63 14.59 6.79
C LEU A 224 1.71 15.61 6.09
N ALA A 225 0.48 15.71 6.57
CA ALA A 225 -0.58 16.56 5.99
C ALA A 225 -0.73 16.33 4.49
N PRO A 226 -1.07 15.08 4.11
CA PRO A 226 -1.21 14.82 2.69
C PRO A 226 -2.47 15.54 2.15
N ILE A 229 -6.16 11.25 0.96
CA ILE A 229 -5.85 10.01 1.66
C ILE A 229 -6.69 8.92 1.00
N ILE A 230 -6.04 7.89 0.49
CA ILE A 230 -6.71 6.81 -0.27
C ILE A 230 -6.60 5.52 0.55
N LEU A 231 -7.73 4.87 0.84
CA LEU A 231 -7.77 3.71 1.72
C LEU A 231 -8.25 2.51 0.93
N GLY A 232 -7.37 1.56 0.78
CA GLY A 232 -7.64 0.31 0.07
C GLY A 232 -7.33 -0.90 0.91
N GLY A 233 -7.38 -2.08 0.26
CA GLY A 233 -7.15 -3.33 0.93
C GLY A 233 -8.45 -4.08 1.19
N GLY A 234 -8.31 -5.36 1.54
CA GLY A 234 -9.45 -6.22 1.83
C GLY A 234 -10.44 -5.68 2.83
N VAL A 235 -9.93 -5.16 3.94
CA VAL A 235 -10.79 -4.73 5.01
C VAL A 235 -11.64 -3.55 4.53
N GLN A 237 -12.97 -3.10 1.78
CA GLN A 237 -14.17 -3.46 1.03
C GLN A 237 -15.43 -3.29 1.89
N GLN A 238 -15.27 -3.24 3.20
CA GLN A 238 -16.37 -2.96 4.09
C GLN A 238 -16.57 -1.45 4.09
N GLN A 240 -18.70 0.62 4.87
CA GLN A 240 -19.28 1.24 6.02
C GLN A 240 -18.22 1.80 6.97
N VAL A 241 -17.01 1.32 6.83
CA VAL A 241 -15.95 1.80 7.68
C VAL A 241 -15.68 3.29 7.46
N PHE A 242 -15.80 3.73 6.23
CA PHE A 242 -15.58 5.11 5.87
C PHE A 242 -16.46 6.04 6.72
N SER A 243 -17.73 5.70 6.90
CA SER A 243 -18.64 6.62 7.62
C SER A 243 -18.17 6.82 9.06
N TYR A 244 -17.65 5.75 9.69
CA TYR A 244 -17.08 5.85 11.02
C TYR A 244 -15.83 6.72 11.03
N ILE A 245 -14.95 6.51 10.06
CA ILE A 245 -13.75 7.36 9.93
C ILE A 245 -14.11 8.85 9.81
N TYR A 246 -15.09 9.17 8.98
CA TYR A 246 -15.51 10.53 8.77
C TYR A 246 -16.10 11.14 10.06
N GLN A 247 -16.73 10.35 10.91
CA GLN A 247 -17.25 10.84 12.19
C GLN A 247 -16.11 11.02 13.21
N TYR A 248 -15.16 10.09 13.23
CA TYR A 248 -14.13 10.11 14.28
C TYR A 248 -12.98 11.09 14.03
N VAL A 249 -12.47 11.19 12.81
CA VAL A 249 -11.32 12.11 12.54
C VAL A 249 -11.56 13.53 13.08
N PRO A 250 -12.72 14.14 12.76
CA PRO A 250 -12.90 15.49 13.32
C PRO A 250 -12.98 15.53 14.85
N LYS A 251 -13.50 14.50 15.49
CA LYS A 251 -13.51 14.49 16.97
C LYS A 251 -12.11 14.43 17.57
N ILE A 252 -11.25 13.65 16.96
CA ILE A 252 -9.90 13.53 17.45
C ILE A 252 -9.09 14.80 17.23
N ASN A 254 -10.34 17.75 16.85
CA ASN A 254 -11.03 18.78 17.63
C ASN A 254 -10.82 20.20 17.10
N SER A 255 -11.01 20.37 15.81
CA SER A 255 -10.96 21.70 15.13
C SER A 255 -9.59 22.37 15.10
N TYR A 256 -8.53 21.61 15.38
CA TYR A 256 -7.22 22.22 15.47
C TYR A 256 -6.67 22.82 14.15
N LEU A 257 -6.93 22.15 13.05
CA LEU A 257 -6.48 22.60 11.73
C LEU A 257 -7.71 22.89 10.90
N ASP A 258 -7.85 24.13 10.50
CA ASP A 258 -9.03 24.67 9.88
C ASP A 258 -8.90 24.44 8.34
N PHE A 259 -9.32 23.27 7.87
CA PHE A 259 -9.39 22.93 6.45
C PHE A 259 -10.65 22.13 6.23
N SER A 260 -11.31 22.42 5.13
CA SER A 260 -12.53 21.69 4.76
C SER A 260 -12.30 20.20 4.57
N GLU A 261 -11.10 19.83 4.11
CA GLU A 261 -10.71 18.43 4.00
C GLU A 261 -10.89 17.67 5.30
N LEU A 262 -10.77 18.35 6.44
CA LEU A 262 -10.75 17.69 7.71
C LEU A 262 -12.06 17.84 8.46
N SER A 263 -13.05 18.44 7.82
CA SER A 263 -14.34 18.70 8.46
C SER A 263 -15.46 18.48 7.43
N ASP A 264 -15.94 19.58 6.84
CA ASP A 264 -17.18 19.52 6.06
CA ASP A 264 -17.15 19.59 6.06
C ASP A 264 -17.05 18.67 4.81
N ASP A 265 -15.85 18.62 4.23
CA ASP A 265 -15.60 17.89 3.00
C ASP A 265 -14.64 16.70 3.20
N ILE A 266 -14.67 16.12 4.39
CA ILE A 266 -13.82 14.99 4.69
C ILE A 266 -14.12 13.81 3.81
N SER A 267 -15.39 13.69 3.34
CA SER A 267 -15.73 12.54 2.48
C SER A 267 -15.13 12.58 1.08
N ASP A 268 -14.58 13.72 0.67
CA ASP A 268 -13.82 13.77 -0.59
CA ASP A 268 -13.84 13.89 -0.58
C ASP A 268 -12.32 13.86 -0.33
N TYR A 269 -11.93 13.75 0.95
CA TYR A 269 -10.49 13.78 1.31
C TYR A 269 -9.95 12.38 1.59
N ILE A 270 -10.69 11.61 2.37
CA ILE A 270 -10.37 10.22 2.71
C ILE A 270 -11.33 9.38 1.87
N VAL A 271 -10.78 8.70 0.86
CA VAL A 271 -11.60 8.06 -0.18
C VAL A 271 -11.07 6.67 -0.55
N PRO A 272 -11.90 5.84 -1.16
CA PRO A 272 -11.41 4.59 -1.75
C PRO A 272 -10.67 4.88 -3.04
N PRO A 273 -9.84 3.95 -3.51
CA PRO A 273 -9.08 4.19 -4.73
C PRO A 273 -9.93 4.23 -5.96
N ARG A 274 -9.69 5.18 -6.83
CA ARG A 274 -10.39 5.23 -8.10
C ARG A 274 -10.09 3.99 -8.93
N LEU A 275 -8.88 3.47 -8.78
CA LEU A 275 -8.44 2.31 -9.55
C LEU A 275 -8.87 0.98 -8.89
N GLY A 276 -9.68 1.05 -7.86
CA GLY A 276 -10.13 -0.14 -7.17
C GLY A 276 -9.00 -0.95 -6.60
N SER A 277 -9.03 -2.27 -6.81
CA SER A 277 -7.98 -3.14 -6.32
C SER A 277 -6.80 -3.22 -7.28
N ASN A 278 -6.80 -2.40 -8.32
CA ASN A 278 -5.69 -2.44 -9.29
C ASN A 278 -4.69 -1.31 -9.13
N ALA A 279 -4.81 -0.49 -8.09
CA ALA A 279 -3.88 0.64 -7.97
C ALA A 279 -2.42 0.17 -7.97
N GLY A 280 -2.13 -0.88 -7.21
CA GLY A 280 -0.79 -1.42 -7.07
C GLY A 280 -0.17 -1.88 -8.39
N ILE A 281 -0.91 -2.73 -9.10
CA ILE A 281 -0.35 -3.27 -10.35
C ILE A 281 -0.18 -2.17 -11.40
N ILE A 282 -1.13 -1.25 -11.47
CA ILE A 282 -0.97 -0.11 -12.36
C ILE A 282 0.25 0.74 -12.01
N GLY A 283 0.44 0.96 -10.71
CA GLY A 283 1.61 1.66 -10.20
C GLY A 283 2.93 1.02 -10.58
N THR A 284 2.98 -0.31 -10.68
CA THR A 284 4.19 -0.97 -11.12
C THR A 284 4.54 -0.59 -12.55
N LEU A 285 3.52 -0.34 -13.38
CA LEU A 285 3.78 0.14 -14.73
C LEU A 285 4.42 1.53 -14.70
N VAL A 286 4.02 2.33 -13.74
CA VAL A 286 4.62 3.68 -13.56
C VAL A 286 6.07 3.52 -13.13
N LEU A 287 6.36 2.57 -12.24
CA LEU A 287 7.73 2.30 -11.85
C LEU A 287 8.57 1.85 -13.04
N ALA A 288 8.00 1.02 -13.91
CA ALA A 288 8.65 0.62 -15.13
C ALA A 288 9.00 1.77 -16.06
N HIS A 289 8.02 2.63 -16.28
CA HIS A 289 8.19 3.80 -17.15
C HIS A 289 9.27 4.71 -16.57
N GLN A 290 9.23 4.91 -15.25
CA GLN A 290 10.27 5.70 -14.58
C GLN A 290 11.66 5.12 -14.83
N ALA A 291 11.78 3.81 -14.69
CA ALA A 291 13.07 3.10 -14.81
C ALA A 291 13.56 3.27 -16.27
N LEU A 292 12.64 3.12 -17.22
CA LEU A 292 12.95 3.37 -18.65
C LEU A 292 13.48 4.77 -18.89
N GLN A 293 12.76 5.76 -18.41
CA GLN A 293 13.20 7.14 -18.57
C GLN A 293 14.56 7.42 -17.91
N ALA A 294 14.81 6.81 -16.77
CA ALA A 294 16.03 7.05 -15.99
C ALA A 294 17.23 6.46 -16.70
N GLU A 295 17.03 5.30 -17.32
CA GLU A 295 18.07 4.63 -18.10
C GLU A 295 18.47 5.53 -19.27
N ALA A 296 17.48 6.02 -20.00
CA ALA A 296 17.71 6.89 -21.17
C ALA A 296 18.42 8.18 -20.77
N ALA A 297 18.05 8.75 -19.63
CA ALA A 297 18.79 9.89 -19.07
C ALA A 297 20.12 9.43 -18.48
#